data_5WBO
#
_entry.id   5WBO
#
_cell.length_a   82.980
_cell.length_b   85.900
_cell.length_c   138.350
_cell.angle_alpha   90.000
_cell.angle_beta   90.000
_cell.angle_gamma   90.000
#
_symmetry.space_group_name_H-M   'P 21 21 21'
#
loop_
_entity.id
_entity.type
_entity.pdbx_description
1 polymer Ketohexokinase
2 non-polymer 4,6-dimethyl-2-(morpholin-4-yl)pyridine-3-carbonitrile
3 non-polymer 'SULFATE ION'
4 non-polymer 'CITRIC ACID'
5 non-polymer GLYCEROL
6 water water
#
_entity_poly.entity_id   1
_entity_poly.type   'polypeptide(L)'
_entity_poly.pdbx_seq_one_letter_code
;MGSSHHHHHHSSGLVPRGSQILCVGLVVLDVISLVDKYPKEDSEIRCLSQRWQRGGNASNSCTVLSLLGAPCAFMGSMAP
GHVADFLVADFRRRGVDVSQVAWQSKGDTPSSCCIINNSNGNRTIVLHDTSLPDVSATDFEKVDLTQFKWIHIEGRNASE
QVKMLQRIDAHNTRQPPEQKIRVSVEVEKPREELFQLFGYGDVVFVSKDVAKHLGFQSAEEALRGLYGRVRKGAVLVCAW
AEEGADALGPDGKLLHSDAFPPPRVVDTLGAGDTFNASVIFSLSQGRSVQEALRFGCQVAGKKCGLQGFDGIV
;
_entity_poly.pdbx_strand_id   A,B
#
# COMPACT_ATOMS: atom_id res chain seq x y z
N GLY A 18 -26.53 -2.40 -29.74
CA GLY A 18 -26.54 -3.08 -28.45
C GLY A 18 -25.63 -4.29 -28.43
N SER A 19 -24.31 -4.04 -28.49
CA SER A 19 -23.25 -5.05 -28.55
C SER A 19 -22.35 -5.12 -27.30
N GLN A 20 -22.47 -4.14 -26.39
CA GLN A 20 -21.62 -4.01 -25.22
C GLN A 20 -22.34 -4.20 -23.90
N ILE A 21 -21.60 -4.56 -22.84
CA ILE A 21 -22.11 -4.63 -21.48
C ILE A 21 -21.49 -3.44 -20.73
N LEU A 22 -22.32 -2.64 -20.04
CA LEU A 22 -21.83 -1.49 -19.28
C LEU A 22 -21.90 -1.78 -17.79
N CYS A 23 -20.80 -1.53 -17.04
CA CYS A 23 -20.79 -1.65 -15.58
C CYS A 23 -20.56 -0.29 -14.98
N VAL A 24 -21.53 0.13 -14.17
CA VAL A 24 -21.51 1.41 -13.49
C VAL A 24 -21.21 1.13 -12.01
N GLY A 25 -20.08 1.64 -11.53
CA GLY A 25 -19.66 1.51 -10.14
C GLY A 25 -18.28 2.12 -9.88
N LEU A 26 -17.54 1.53 -8.93
CA LEU A 26 -16.22 2.01 -8.50
C LEU A 26 -15.05 1.41 -9.19
N VAL A 27 -13.94 2.19 -9.23
CA VAL A 27 -12.62 1.79 -9.66
C VAL A 27 -11.66 2.27 -8.53
N VAL A 28 -11.04 1.30 -7.84
CA VAL A 28 -10.18 1.53 -6.67
C VAL A 28 -8.80 0.89 -6.94
N LEU A 29 -7.73 1.51 -6.41
CA LEU A 29 -6.40 0.92 -6.51
C LEU A 29 -6.23 -0.06 -5.36
N ASP A 30 -6.06 -1.35 -5.68
CA ASP A 30 -5.86 -2.38 -4.67
C ASP A 30 -4.38 -2.62 -4.49
N VAL A 31 -3.88 -2.16 -3.35
CA VAL A 31 -2.48 -2.30 -2.94
C VAL A 31 -2.48 -3.60 -2.14
N ILE A 32 -1.94 -4.66 -2.74
CA ILE A 32 -2.02 -6.01 -2.19
C ILE A 32 -0.75 -6.48 -1.54
N SER A 33 -0.94 -7.14 -0.38
CA SER A 33 0.12 -7.81 0.37
C SER A 33 -0.30 -9.27 0.51
N LEU A 34 0.53 -10.17 0.00
CA LEU A 34 0.22 -11.59 0.13
C LEU A 34 0.94 -12.15 1.37
N VAL A 35 0.18 -12.63 2.37
CA VAL A 35 0.74 -13.14 3.64
C VAL A 35 0.53 -14.66 3.84
N ASP A 36 1.42 -15.35 4.59
CA ASP A 36 1.22 -16.80 4.84
C ASP A 36 0.19 -17.03 5.94
N LYS A 37 0.00 -16.06 6.86
CA LYS A 37 -1.04 -16.10 7.88
C LYS A 37 -1.48 -14.69 8.24
N TYR A 38 -2.75 -14.54 8.66
CA TYR A 38 -3.32 -13.25 9.02
C TYR A 38 -2.65 -12.66 10.26
N PRO A 39 -2.17 -11.40 10.23
CA PRO A 39 -1.48 -10.86 11.40
C PRO A 39 -2.36 -10.63 12.61
N LYS A 40 -1.83 -10.96 13.79
CA LYS A 40 -2.49 -10.70 15.08
C LYS A 40 -2.37 -9.16 15.32
N GLU A 41 -3.32 -8.55 16.07
CA GLU A 41 -3.24 -7.13 16.37
C GLU A 41 -1.92 -6.83 17.12
N ASP A 42 -1.31 -5.66 16.84
CA ASP A 42 -0.06 -5.16 17.44
C ASP A 42 1.18 -6.04 17.08
N SER A 43 1.06 -6.90 16.05
CA SER A 43 2.17 -7.74 15.57
C SER A 43 2.89 -7.09 14.38
N GLU A 44 4.06 -7.62 14.04
CA GLU A 44 4.89 -7.13 12.94
C GLU A 44 5.37 -8.34 12.11
N ILE A 45 4.67 -8.62 10.99
CA ILE A 45 4.98 -9.76 10.11
C ILE A 45 5.32 -9.32 8.68
N ARG A 46 6.31 -9.98 8.06
CA ARG A 46 6.73 -9.72 6.71
C ARG A 46 5.78 -10.39 5.71
N CYS A 47 5.42 -9.70 4.60
CA CYS A 47 4.56 -10.30 3.57
C CYS A 47 5.40 -11.12 2.58
N LEU A 48 4.77 -12.11 1.93
CA LEU A 48 5.42 -13.00 0.95
C LEU A 48 5.71 -12.28 -0.35
N SER A 49 4.72 -11.49 -0.84
CA SER A 49 4.80 -10.77 -2.11
C SER A 49 3.83 -9.60 -2.14
N GLN A 50 4.02 -8.72 -3.13
CA GLN A 50 3.24 -7.49 -3.27
C GLN A 50 2.85 -7.22 -4.70
N ARG A 51 1.68 -6.61 -4.89
CA ARG A 51 1.25 -6.21 -6.23
C ARG A 51 0.22 -5.10 -6.16
N TRP A 52 0.14 -4.35 -7.24
CA TRP A 52 -0.88 -3.34 -7.40
C TRP A 52 -1.89 -3.98 -8.33
N GLN A 53 -3.16 -3.82 -8.04
CA GLN A 53 -4.21 -4.37 -8.88
C GLN A 53 -5.32 -3.36 -9.06
N ARG A 54 -5.87 -3.28 -10.28
CA ARG A 54 -7.06 -2.45 -10.51
C ARG A 54 -8.26 -3.19 -9.88
N GLY A 55 -8.90 -2.55 -8.92
CA GLY A 55 -10.05 -3.09 -8.21
C GLY A 55 -11.31 -2.28 -8.41
N GLY A 56 -12.23 -2.40 -7.47
CA GLY A 56 -13.56 -1.81 -7.53
C GLY A 56 -14.45 -2.86 -8.14
N ASN A 57 -15.65 -3.10 -7.55
CA ASN A 57 -16.57 -4.17 -8.01
C ASN A 57 -16.91 -4.12 -9.48
N ALA A 58 -17.52 -3.02 -9.95
CA ALA A 58 -17.86 -2.82 -11.35
C ALA A 58 -16.63 -2.94 -12.25
N SER A 59 -15.49 -2.47 -11.76
CA SER A 59 -14.21 -2.51 -12.47
C SER A 59 -13.66 -3.95 -12.62
N ASN A 60 -13.79 -4.77 -11.54
CA ASN A 60 -13.36 -6.18 -11.57
C ASN A 60 -14.22 -7.00 -12.51
N SER A 61 -15.54 -6.73 -12.53
CA SER A 61 -16.50 -7.39 -13.43
C SER A 61 -16.19 -7.08 -14.91
N CYS A 62 -15.70 -5.85 -15.22
CA CYS A 62 -15.27 -5.49 -16.59
C CYS A 62 -14.05 -6.29 -16.98
N THR A 63 -13.12 -6.55 -16.02
CA THR A 63 -11.94 -7.39 -16.28
C THR A 63 -12.42 -8.80 -16.68
N VAL A 64 -13.35 -9.37 -15.91
CA VAL A 64 -13.89 -10.71 -16.11
C VAL A 64 -14.64 -10.80 -17.46
N LEU A 65 -15.57 -9.80 -17.74
CA LEU A 65 -16.35 -9.72 -19.00
C LEU A 65 -15.45 -9.69 -20.22
N SER A 66 -14.34 -8.89 -20.14
CA SER A 66 -13.31 -8.78 -21.17
C SER A 66 -12.62 -10.11 -21.42
N LEU A 67 -12.24 -10.84 -20.35
CA LEU A 67 -11.57 -12.15 -20.50
C LEU A 67 -12.53 -13.23 -21.05
N LEU A 68 -13.84 -13.07 -20.80
CA LEU A 68 -14.86 -13.97 -21.32
C LEU A 68 -15.15 -13.71 -22.81
N GLY A 69 -14.56 -12.65 -23.37
CA GLY A 69 -14.68 -12.25 -24.76
C GLY A 69 -15.83 -11.29 -25.03
N ALA A 70 -16.41 -10.71 -23.97
CA ALA A 70 -17.54 -9.78 -24.12
C ALA A 70 -17.10 -8.30 -24.15
N PRO A 71 -17.40 -7.56 -25.26
CA PRO A 71 -17.06 -6.11 -25.30
C PRO A 71 -17.84 -5.42 -24.20
N CYS A 72 -17.14 -4.68 -23.35
CA CYS A 72 -17.74 -4.01 -22.19
C CYS A 72 -17.20 -2.61 -22.01
N ALA A 73 -17.91 -1.82 -21.21
CA ALA A 73 -17.56 -0.45 -20.91
C ALA A 73 -17.67 -0.22 -19.41
N PHE A 74 -16.77 0.59 -18.86
CA PHE A 74 -16.84 0.95 -17.44
C PHE A 74 -17.25 2.42 -17.28
N MET A 75 -18.14 2.68 -16.32
CA MET A 75 -18.56 4.02 -15.96
C MET A 75 -18.42 4.21 -14.47
N GLY A 76 -17.57 5.13 -14.10
CA GLY A 76 -17.33 5.47 -12.71
C GLY A 76 -16.51 6.74 -12.63
N SER A 77 -16.40 7.27 -11.41
CA SER A 77 -15.62 8.48 -11.14
C SER A 77 -14.14 8.21 -10.94
N MET A 78 -13.33 8.94 -11.71
CA MET A 78 -11.87 8.92 -11.65
C MET A 78 -11.35 10.37 -11.47
N ALA A 79 -10.18 10.52 -10.85
CA ALA A 79 -9.55 11.81 -10.61
C ALA A 79 -8.18 11.81 -11.28
N PRO A 80 -7.91 12.76 -12.22
CA PRO A 80 -6.60 12.77 -12.89
C PRO A 80 -5.42 12.81 -11.92
N GLY A 81 -4.44 11.96 -12.20
CA GLY A 81 -3.23 11.75 -11.40
C GLY A 81 -2.49 10.52 -11.88
N HIS A 82 -1.35 10.21 -11.22
CA HIS A 82 -0.49 9.06 -11.58
C HIS A 82 -1.14 7.70 -11.33
N VAL A 83 -2.05 7.62 -10.32
CA VAL A 83 -2.79 6.40 -9.97
C VAL A 83 -3.81 6.12 -11.10
N ALA A 84 -4.62 7.13 -11.48
CA ALA A 84 -5.60 7.00 -12.55
C ALA A 84 -4.93 6.59 -13.87
N ASP A 85 -3.67 7.02 -14.11
CA ASP A 85 -2.91 6.64 -15.30
C ASP A 85 -2.61 5.13 -15.28
N PHE A 86 -2.33 4.57 -14.07
CA PHE A 86 -2.12 3.13 -13.87
C PHE A 86 -3.44 2.37 -14.17
N LEU A 87 -4.55 2.84 -13.58
CA LEU A 87 -5.89 2.28 -13.71
C LEU A 87 -6.35 2.27 -15.17
N VAL A 88 -6.22 3.42 -15.87
CA VAL A 88 -6.58 3.61 -17.27
C VAL A 88 -5.75 2.70 -18.17
N ALA A 89 -4.42 2.61 -17.93
CA ALA A 89 -3.55 1.74 -18.72
C ALA A 89 -3.93 0.25 -18.57
N ASP A 90 -4.39 -0.12 -17.36
CA ASP A 90 -4.84 -1.48 -17.05
C ASP A 90 -6.17 -1.77 -17.77
N PHE A 91 -7.14 -0.86 -17.68
CA PHE A 91 -8.43 -0.93 -18.38
C PHE A 91 -8.24 -1.11 -19.90
N ARG A 92 -7.32 -0.32 -20.49
CA ARG A 92 -7.02 -0.34 -21.92
C ARG A 92 -6.32 -1.61 -22.36
N ARG A 93 -5.43 -2.16 -21.54
CA ARG A 93 -4.71 -3.41 -21.80
C ARG A 93 -5.73 -4.60 -21.85
N ARG A 94 -6.87 -4.43 -21.14
CA ARG A 94 -7.94 -5.41 -21.07
C ARG A 94 -9.05 -5.18 -22.12
N GLY A 95 -8.97 -4.06 -22.84
CA GLY A 95 -9.93 -3.69 -23.86
C GLY A 95 -11.22 -3.14 -23.29
N VAL A 96 -11.14 -2.58 -22.06
CA VAL A 96 -12.32 -2.00 -21.42
C VAL A 96 -12.44 -0.56 -21.90
N ASP A 97 -13.62 -0.21 -22.43
CA ASP A 97 -13.95 1.11 -22.91
C ASP A 97 -14.11 2.04 -21.69
N VAL A 98 -13.31 3.13 -21.64
CA VAL A 98 -13.33 4.12 -20.55
C VAL A 98 -13.97 5.47 -20.98
N SER A 99 -14.49 5.53 -22.24
CA SER A 99 -15.12 6.73 -22.83
C SER A 99 -16.25 7.34 -21.98
N GLN A 100 -16.89 6.53 -21.12
CA GLN A 100 -18.00 6.94 -20.26
C GLN A 100 -17.59 7.36 -18.84
N VAL A 101 -16.27 7.36 -18.54
CA VAL A 101 -15.75 7.75 -17.22
C VAL A 101 -16.06 9.22 -16.86
N ALA A 102 -16.62 9.42 -15.65
CA ALA A 102 -16.94 10.73 -15.09
C ALA A 102 -15.69 11.30 -14.42
N TRP A 103 -14.77 11.89 -15.23
CA TRP A 103 -13.52 12.50 -14.74
C TRP A 103 -13.84 13.71 -13.86
N GLN A 104 -13.38 13.68 -12.59
CA GLN A 104 -13.65 14.73 -11.59
C GLN A 104 -12.48 15.69 -11.35
N SER A 105 -12.79 16.97 -11.05
CA SER A 105 -11.79 18.01 -10.77
C SER A 105 -11.33 17.97 -9.31
N LYS A 106 -12.29 17.74 -8.38
CA LYS A 106 -12.05 17.64 -6.94
C LYS A 106 -12.03 16.16 -6.45
N GLY A 107 -11.18 15.89 -5.46
CA GLY A 107 -11.02 14.56 -4.87
C GLY A 107 -9.88 13.76 -5.47
N ASP A 108 -9.40 12.75 -4.72
CA ASP A 108 -8.32 11.85 -5.14
C ASP A 108 -8.89 10.48 -5.57
N THR A 109 -8.09 9.66 -6.28
CA THR A 109 -8.55 8.32 -6.69
C THR A 109 -8.54 7.40 -5.43
N PRO A 110 -9.66 6.70 -5.11
CA PRO A 110 -9.66 5.84 -3.91
C PRO A 110 -8.68 4.69 -4.03
N SER A 111 -8.12 4.27 -2.90
CA SER A 111 -7.17 3.18 -2.83
C SER A 111 -7.49 2.33 -1.60
N SER A 112 -7.07 1.07 -1.62
CA SER A 112 -7.32 0.20 -0.48
C SER A 112 -6.18 -0.75 -0.25
N CYS A 113 -5.93 -1.06 1.02
CA CYS A 113 -4.89 -2.03 1.38
C CYS A 113 -5.56 -3.36 1.50
N CYS A 114 -5.16 -4.30 0.66
CA CYS A 114 -5.74 -5.62 0.64
C CYS A 114 -4.74 -6.63 1.15
N ILE A 115 -5.09 -7.33 2.23
CA ILE A 115 -4.27 -8.37 2.83
C ILE A 115 -4.87 -9.71 2.40
N ILE A 116 -4.12 -10.48 1.59
CA ILE A 116 -4.60 -11.78 1.10
C ILE A 116 -3.84 -12.88 1.84
N ASN A 117 -4.57 -13.78 2.51
CA ASN A 117 -4.00 -14.88 3.26
C ASN A 117 -3.82 -16.02 2.28
N ASN A 118 -2.56 -16.37 1.99
CA ASN A 118 -2.22 -17.40 1.01
C ASN A 118 -2.62 -18.83 1.42
N SER A 119 -2.76 -19.07 2.74
CA SER A 119 -3.13 -20.38 3.29
C SER A 119 -4.61 -20.74 3.08
N ASN A 120 -5.53 -19.76 3.02
CA ASN A 120 -6.97 -20.00 2.85
C ASN A 120 -7.68 -19.09 1.81
N GLY A 121 -6.90 -18.21 1.18
CA GLY A 121 -7.40 -17.27 0.18
C GLY A 121 -8.21 -16.10 0.69
N ASN A 122 -8.38 -15.96 2.02
CA ASN A 122 -9.15 -14.85 2.62
C ASN A 122 -8.54 -13.49 2.29
N ARG A 123 -9.40 -12.51 2.04
CA ARG A 123 -8.96 -11.17 1.68
C ARG A 123 -9.60 -10.17 2.62
N THR A 124 -8.77 -9.33 3.24
CA THR A 124 -9.19 -8.28 4.15
C THR A 124 -8.88 -6.95 3.46
N ILE A 125 -9.91 -6.12 3.28
CA ILE A 125 -9.80 -4.82 2.60
C ILE A 125 -9.99 -3.65 3.56
N VAL A 126 -9.00 -2.73 3.60
CA VAL A 126 -9.05 -1.51 4.41
C VAL A 126 -9.16 -0.41 3.37
N LEU A 127 -10.39 0.01 3.10
CA LEU A 127 -10.65 0.98 2.03
C LEU A 127 -10.49 2.43 2.43
N HIS A 128 -9.78 3.19 1.56
CA HIS A 128 -9.67 4.64 1.71
C HIS A 128 -10.61 5.28 0.69
N ASP A 129 -11.81 5.66 1.14
CA ASP A 129 -12.81 6.35 0.32
C ASP A 129 -12.48 7.84 0.43
N THR A 130 -12.06 8.41 -0.70
CA THR A 130 -11.55 9.77 -0.88
C THR A 130 -12.55 10.90 -1.11
N SER A 131 -13.86 10.65 -0.92
CA SER A 131 -14.93 11.66 -1.14
C SER A 131 -14.96 12.20 -2.60
N LEU A 132 -14.52 11.36 -3.57
CA LEU A 132 -14.57 11.65 -5.01
C LEU A 132 -16.06 11.75 -5.32
N PRO A 133 -16.55 12.77 -6.06
CA PRO A 133 -18.00 12.84 -6.33
C PRO A 133 -18.45 11.61 -7.11
N ASP A 134 -19.55 10.99 -6.69
CA ASP A 134 -20.11 9.81 -7.37
C ASP A 134 -20.72 10.15 -8.73
N VAL A 135 -20.88 9.12 -9.59
CA VAL A 135 -21.51 9.25 -10.91
C VAL A 135 -22.97 9.65 -10.63
N SER A 136 -23.47 10.72 -11.29
CA SER A 136 -24.84 11.22 -11.07
C SER A 136 -25.77 10.90 -12.23
N ALA A 137 -27.10 11.11 -12.02
CA ALA A 137 -28.12 10.91 -13.06
C ALA A 137 -27.85 11.82 -14.27
N THR A 138 -27.20 12.99 -14.00
CA THR A 138 -26.80 13.99 -15.00
C THR A 138 -25.68 13.39 -15.87
N ASP A 139 -24.68 12.74 -15.23
CA ASP A 139 -23.57 12.06 -15.91
C ASP A 139 -24.15 10.95 -16.79
N PHE A 140 -25.10 10.17 -16.22
CA PHE A 140 -25.76 9.05 -16.89
C PHE A 140 -26.60 9.50 -18.09
N GLU A 141 -27.31 10.66 -17.96
CA GLU A 141 -28.14 11.24 -19.01
C GLU A 141 -27.40 11.50 -20.34
N LYS A 142 -26.08 11.77 -20.28
CA LYS A 142 -25.21 12.01 -21.43
C LYS A 142 -24.85 10.75 -22.22
N VAL A 143 -25.04 9.56 -21.60
CA VAL A 143 -24.67 8.25 -22.17
C VAL A 143 -25.61 7.78 -23.31
N ASP A 144 -25.02 7.34 -24.44
CA ASP A 144 -25.76 6.79 -25.59
C ASP A 144 -26.12 5.32 -25.30
N LEU A 145 -27.36 5.11 -24.83
CA LEU A 145 -27.91 3.81 -24.45
C LEU A 145 -28.02 2.79 -25.60
N THR A 146 -27.89 3.22 -26.87
CA THR A 146 -28.03 2.34 -28.04
C THR A 146 -26.89 1.31 -28.23
N GLN A 147 -25.69 1.57 -27.68
CA GLN A 147 -24.52 0.67 -27.81
C GLN A 147 -24.49 -0.49 -26.79
N PHE A 148 -25.39 -0.44 -25.79
CA PHE A 148 -25.44 -1.40 -24.70
C PHE A 148 -26.58 -2.42 -24.77
N LYS A 149 -26.18 -3.70 -24.71
CA LYS A 149 -26.91 -4.98 -24.67
C LYS A 149 -27.41 -5.20 -23.22
N TRP A 150 -26.54 -4.81 -22.25
CA TRP A 150 -26.73 -4.98 -20.81
C TRP A 150 -26.12 -3.83 -20.01
N ILE A 151 -26.78 -3.44 -18.91
CA ILE A 151 -26.26 -2.45 -17.98
C ILE A 151 -26.31 -3.01 -16.56
N HIS A 152 -25.12 -3.13 -15.90
CA HIS A 152 -25.01 -3.56 -14.52
C HIS A 152 -24.64 -2.34 -13.66
N ILE A 153 -25.37 -2.17 -12.54
CA ILE A 153 -25.11 -1.08 -11.61
C ILE A 153 -24.72 -1.60 -10.23
N GLU A 154 -23.52 -1.21 -9.78
CA GLU A 154 -23.00 -1.52 -8.45
C GLU A 154 -23.61 -0.47 -7.51
N GLY A 155 -24.48 -0.90 -6.59
CA GLY A 155 -25.15 -0.07 -5.61
C GLY A 155 -24.22 0.76 -4.74
N ARG A 156 -24.28 2.10 -4.91
CA ARG A 156 -23.46 3.10 -4.21
C ARG A 156 -24.38 4.27 -3.72
N ASN A 157 -24.71 5.24 -4.62
CA ASN A 157 -25.59 6.40 -4.39
C ASN A 157 -26.99 6.02 -4.90
N ALA A 158 -27.74 5.26 -4.08
CA ALA A 158 -29.05 4.70 -4.37
C ALA A 158 -30.07 5.65 -5.00
N SER A 159 -30.40 6.80 -4.35
CA SER A 159 -31.37 7.79 -4.84
C SER A 159 -31.05 8.28 -6.26
N GLU A 160 -29.77 8.58 -6.48
CA GLU A 160 -29.18 9.03 -7.75
C GLU A 160 -29.11 7.92 -8.80
N GLN A 161 -29.00 6.64 -8.37
CA GLN A 161 -28.96 5.48 -9.27
C GLN A 161 -30.37 5.05 -9.66
N VAL A 162 -31.37 5.20 -8.76
CA VAL A 162 -32.79 4.92 -9.00
C VAL A 162 -33.28 5.78 -10.19
N LYS A 163 -32.75 7.01 -10.31
CA LYS A 163 -33.01 7.94 -11.41
C LYS A 163 -32.37 7.42 -12.72
N MET A 164 -31.17 6.80 -12.62
CA MET A 164 -30.46 6.18 -13.77
C MET A 164 -31.28 4.97 -14.24
N LEU A 165 -31.86 4.22 -13.29
CA LEU A 165 -32.68 3.01 -13.54
C LEU A 165 -34.03 3.36 -14.18
N GLN A 166 -34.66 4.48 -13.73
CA GLN A 166 -35.92 4.99 -14.29
C GLN A 166 -35.72 5.45 -15.75
N ARG A 167 -34.50 5.94 -16.07
CA ARG A 167 -34.09 6.37 -17.40
C ARG A 167 -33.94 5.18 -18.36
N ILE A 168 -33.43 4.01 -17.87
CA ILE A 168 -33.26 2.82 -18.73
C ILE A 168 -34.64 2.22 -19.05
N ASP A 169 -35.52 2.12 -18.04
CA ASP A 169 -36.89 1.61 -18.14
C ASP A 169 -37.72 2.41 -19.15
N ALA A 170 -37.60 3.75 -19.13
CA ALA A 170 -38.27 4.67 -20.05
C ALA A 170 -37.82 4.42 -21.49
N HIS A 171 -36.51 4.17 -21.71
CA HIS A 171 -35.91 3.87 -23.02
C HIS A 171 -36.45 2.52 -23.54
N ASN A 172 -36.57 1.52 -22.63
CA ASN A 172 -37.05 0.16 -22.90
C ASN A 172 -38.49 0.16 -23.44
N THR A 173 -39.39 0.94 -22.79
CA THR A 173 -40.80 1.07 -23.20
C THR A 173 -40.93 1.62 -24.62
N ARG A 174 -39.97 2.44 -25.08
CA ARG A 174 -39.96 3.01 -26.43
C ARG A 174 -39.16 2.10 -27.40
N GLN A 175 -38.85 0.85 -26.99
CA GLN A 175 -38.06 -0.10 -27.80
C GLN A 175 -38.74 -1.47 -28.00
N PRO A 176 -38.51 -2.18 -29.15
CA PRO A 176 -39.10 -3.51 -29.33
C PRO A 176 -38.55 -4.55 -28.33
N PRO A 177 -39.28 -5.66 -28.01
CA PRO A 177 -38.74 -6.64 -27.03
C PRO A 177 -37.35 -7.20 -27.33
N GLU A 178 -37.00 -7.33 -28.62
CA GLU A 178 -35.72 -7.85 -29.10
C GLU A 178 -34.58 -6.83 -28.99
N GLN A 179 -34.90 -5.54 -28.82
CA GLN A 179 -33.93 -4.44 -28.71
C GLN A 179 -33.90 -3.80 -27.29
N LYS A 180 -34.51 -4.46 -26.30
CA LYS A 180 -34.54 -3.97 -24.90
C LYS A 180 -33.21 -4.18 -24.19
N ILE A 181 -32.86 -3.24 -23.28
CA ILE A 181 -31.63 -3.30 -22.50
C ILE A 181 -31.87 -4.09 -21.22
N ARG A 182 -31.16 -5.24 -21.07
CA ARG A 182 -31.23 -6.06 -19.86
C ARG A 182 -30.47 -5.34 -18.75
N VAL A 183 -31.03 -5.32 -17.53
CA VAL A 183 -30.46 -4.58 -16.41
C VAL A 183 -30.22 -5.45 -15.17
N SER A 184 -29.03 -5.32 -14.56
CA SER A 184 -28.69 -5.99 -13.32
C SER A 184 -28.25 -5.02 -12.25
N VAL A 185 -28.56 -5.33 -11.02
CA VAL A 185 -28.23 -4.52 -9.86
C VAL A 185 -27.44 -5.36 -8.82
N GLU A 186 -26.46 -4.73 -8.11
CA GLU A 186 -25.73 -5.40 -7.04
C GLU A 186 -25.92 -4.68 -5.70
N VAL A 187 -26.46 -5.38 -4.70
CA VAL A 187 -26.64 -4.85 -3.33
C VAL A 187 -25.64 -5.65 -2.46
N GLU A 188 -24.40 -5.14 -2.34
CA GLU A 188 -23.30 -5.79 -1.62
C GLU A 188 -23.14 -5.30 -0.17
N LYS A 189 -23.20 -3.98 0.04
CA LYS A 189 -23.06 -3.39 1.37
C LYS A 189 -24.37 -3.39 2.15
N PRO A 190 -24.37 -3.75 3.45
CA PRO A 190 -25.63 -3.76 4.21
C PRO A 190 -26.05 -2.35 4.65
N ARG A 191 -26.38 -1.52 3.65
CA ARG A 191 -26.79 -0.12 3.80
C ARG A 191 -28.25 0.03 3.36
N GLU A 192 -29.12 0.54 4.26
CA GLU A 192 -30.55 0.73 4.06
C GLU A 192 -30.94 1.57 2.86
N GLU A 193 -30.08 2.57 2.47
CA GLU A 193 -30.28 3.46 1.32
C GLU A 193 -30.40 2.60 0.05
N LEU A 194 -29.51 1.57 -0.07
CA LEU A 194 -29.39 0.63 -1.18
C LEU A 194 -30.54 -0.39 -1.32
N PHE A 195 -31.33 -0.61 -0.26
CA PHE A 195 -32.42 -1.61 -0.26
C PHE A 195 -33.60 -1.23 -1.15
N GLN A 196 -33.61 0.01 -1.67
CA GLN A 196 -34.65 0.49 -2.58
C GLN A 196 -34.39 -0.03 -4.00
N LEU A 197 -33.10 -0.31 -4.31
CA LEU A 197 -32.62 -0.80 -5.61
C LEU A 197 -33.01 -2.27 -5.87
N PHE A 198 -33.64 -2.95 -4.88
CA PHE A 198 -34.01 -4.37 -4.85
C PHE A 198 -34.94 -4.97 -5.96
N GLY A 199 -35.98 -4.34 -6.51
CA GLY A 199 -36.38 -2.94 -6.54
C GLY A 199 -36.51 -2.65 -8.02
N TYR A 200 -35.34 -2.57 -8.69
CA TYR A 200 -35.20 -2.30 -10.12
C TYR A 200 -34.31 -3.35 -10.76
N GLY A 201 -34.45 -3.52 -12.07
CA GLY A 201 -33.64 -4.46 -12.84
C GLY A 201 -34.23 -5.85 -13.03
N ASP A 202 -33.76 -6.54 -14.07
CA ASP A 202 -34.14 -7.91 -14.46
C ASP A 202 -33.47 -8.96 -13.56
N VAL A 203 -32.22 -8.69 -13.11
CA VAL A 203 -31.45 -9.59 -12.24
C VAL A 203 -30.94 -8.77 -11.06
N VAL A 204 -31.17 -9.26 -9.84
CA VAL A 204 -30.75 -8.59 -8.59
C VAL A 204 -29.80 -9.48 -7.81
N PHE A 205 -28.54 -9.05 -7.67
CA PHE A 205 -27.51 -9.75 -6.90
C PHE A 205 -27.50 -9.19 -5.49
N VAL A 206 -27.85 -10.04 -4.50
CA VAL A 206 -27.86 -9.73 -3.08
C VAL A 206 -26.73 -10.54 -2.42
N SER A 207 -25.87 -9.86 -1.66
CA SER A 207 -24.77 -10.54 -1.00
C SER A 207 -25.22 -11.30 0.25
N LYS A 208 -24.38 -12.27 0.67
CA LYS A 208 -24.53 -13.10 1.85
C LYS A 208 -24.54 -12.19 3.11
N ASP A 209 -23.65 -11.16 3.13
CA ASP A 209 -23.52 -10.17 4.21
C ASP A 209 -24.82 -9.39 4.39
N VAL A 210 -25.41 -8.88 3.28
CA VAL A 210 -26.69 -8.18 3.29
C VAL A 210 -27.79 -9.10 3.84
N ALA A 211 -27.86 -10.34 3.30
CA ALA A 211 -28.82 -11.38 3.69
C ALA A 211 -28.73 -11.71 5.18
N LYS A 212 -27.50 -11.91 5.71
CA LYS A 212 -27.26 -12.20 7.13
C LYS A 212 -27.72 -11.04 8.02
N HIS A 213 -27.40 -9.79 7.60
CA HIS A 213 -27.79 -8.54 8.27
C HIS A 213 -29.31 -8.33 8.31
N LEU A 214 -30.07 -9.06 7.45
CA LEU A 214 -31.53 -8.99 7.42
C LEU A 214 -32.19 -10.18 8.16
N GLY A 215 -31.37 -11.03 8.79
CA GLY A 215 -31.80 -12.18 9.58
C GLY A 215 -31.95 -13.53 8.91
N PHE A 216 -31.17 -13.77 7.81
CA PHE A 216 -31.21 -15.01 7.03
C PHE A 216 -29.89 -15.80 7.17
N GLN A 217 -30.00 -17.12 7.42
CA GLN A 217 -28.83 -17.98 7.63
C GLN A 217 -28.42 -18.84 6.41
N SER A 218 -29.19 -18.74 5.30
CA SER A 218 -28.92 -19.47 4.06
C SER A 218 -29.39 -18.67 2.84
N ALA A 219 -28.89 -19.06 1.64
CA ALA A 219 -29.24 -18.45 0.37
C ALA A 219 -30.70 -18.68 0.03
N GLU A 220 -31.25 -19.88 0.32
CA GLU A 220 -32.66 -20.19 0.06
C GLU A 220 -33.61 -19.35 0.94
N GLU A 221 -33.25 -19.14 2.21
CA GLU A 221 -33.99 -18.34 3.18
C GLU A 221 -34.07 -16.90 2.72
N ALA A 222 -32.91 -16.34 2.34
CA ALA A 222 -32.76 -14.97 1.86
C ALA A 222 -33.62 -14.74 0.64
N LEU A 223 -33.55 -15.65 -0.35
CA LEU A 223 -34.32 -15.56 -1.60
C LEU A 223 -35.82 -15.55 -1.36
N ARG A 224 -36.32 -16.46 -0.50
CA ARG A 224 -37.73 -16.55 -0.14
C ARG A 224 -38.21 -15.30 0.61
N GLY A 225 -37.38 -14.80 1.51
CA GLY A 225 -37.66 -13.61 2.33
C GLY A 225 -37.51 -12.27 1.64
N LEU A 226 -36.69 -12.22 0.55
CA LEU A 226 -36.45 -10.97 -0.15
C LEU A 226 -37.11 -10.85 -1.52
N TYR A 227 -37.71 -11.95 -2.06
CA TYR A 227 -38.31 -11.91 -3.41
C TYR A 227 -39.41 -10.86 -3.56
N GLY A 228 -40.23 -10.66 -2.52
CA GLY A 228 -41.32 -9.69 -2.52
C GLY A 228 -40.88 -8.26 -2.82
N ARG A 229 -39.55 -7.98 -2.67
CA ARG A 229 -38.92 -6.67 -2.90
C ARG A 229 -38.52 -6.41 -4.35
N VAL A 230 -38.41 -7.46 -5.19
CA VAL A 230 -37.97 -7.31 -6.58
C VAL A 230 -39.11 -6.93 -7.55
N ARG A 231 -38.73 -6.34 -8.69
CA ARG A 231 -39.56 -5.93 -9.82
C ARG A 231 -40.24 -7.17 -10.40
N LYS A 232 -41.49 -7.02 -10.90
CA LYS A 232 -42.25 -8.10 -11.51
C LYS A 232 -41.42 -8.74 -12.64
N GLY A 233 -41.19 -10.05 -12.53
CA GLY A 233 -40.43 -10.83 -13.52
C GLY A 233 -38.92 -10.85 -13.35
N ALA A 234 -38.41 -10.33 -12.23
CA ALA A 234 -36.96 -10.28 -11.98
C ALA A 234 -36.44 -11.56 -11.37
N VAL A 235 -35.15 -11.81 -11.55
CA VAL A 235 -34.47 -12.96 -10.97
C VAL A 235 -33.61 -12.45 -9.81
N LEU A 236 -33.81 -13.01 -8.62
CA LEU A 236 -33.02 -12.65 -7.44
C LEU A 236 -31.93 -13.72 -7.27
N VAL A 237 -30.67 -13.29 -7.25
CA VAL A 237 -29.50 -14.17 -7.14
C VAL A 237 -28.74 -13.90 -5.84
N CYS A 238 -28.42 -14.96 -5.09
CA CYS A 238 -27.62 -14.87 -3.89
C CYS A 238 -26.53 -15.96 -3.86
N ALA A 239 -25.25 -15.53 -3.94
CA ALA A 239 -24.12 -16.44 -3.82
C ALA A 239 -23.78 -16.57 -2.32
N TRP A 240 -23.33 -17.76 -1.89
CA TRP A 240 -23.04 -18.03 -0.48
C TRP A 240 -21.71 -18.80 -0.29
N ALA A 241 -20.62 -18.31 -0.96
CA ALA A 241 -19.25 -18.81 -0.91
C ALA A 241 -19.12 -20.35 -1.19
N GLU A 242 -18.63 -21.12 -0.21
CA GLU A 242 -18.44 -22.57 -0.31
C GLU A 242 -19.78 -23.31 -0.46
N GLU A 243 -20.91 -22.63 -0.20
CA GLU A 243 -22.26 -23.21 -0.38
C GLU A 243 -22.79 -23.04 -1.82
N GLY A 244 -21.95 -22.47 -2.69
CA GLY A 244 -22.31 -22.22 -4.08
C GLY A 244 -23.20 -21.01 -4.19
N ALA A 245 -24.23 -21.10 -5.04
CA ALA A 245 -25.13 -19.98 -5.26
C ALA A 245 -26.54 -20.45 -5.58
N ASP A 246 -27.52 -19.57 -5.33
CA ASP A 246 -28.95 -19.81 -5.55
C ASP A 246 -29.61 -18.66 -6.29
N ALA A 247 -30.69 -18.98 -7.00
CA ALA A 247 -31.47 -18.03 -7.78
C ALA A 247 -32.96 -18.34 -7.59
N LEU A 248 -33.82 -17.31 -7.77
CA LEU A 248 -35.27 -17.41 -7.64
C LEU A 248 -35.93 -16.46 -8.64
N GLY A 249 -36.79 -17.01 -9.47
CA GLY A 249 -37.48 -16.24 -10.49
C GLY A 249 -38.98 -16.16 -10.31
N PRO A 250 -39.70 -15.61 -11.33
CA PRO A 250 -41.17 -15.48 -11.24
C PRO A 250 -41.91 -16.79 -10.99
N ASP A 251 -41.43 -17.91 -11.58
CA ASP A 251 -42.03 -19.25 -11.43
C ASP A 251 -41.97 -19.82 -10.00
N GLY A 252 -41.23 -19.17 -9.11
CA GLY A 252 -41.12 -19.57 -7.71
C GLY A 252 -40.26 -20.79 -7.47
N LYS A 253 -39.61 -21.31 -8.54
CA LYS A 253 -38.75 -22.48 -8.42
C LYS A 253 -37.36 -22.04 -8.00
N LEU A 254 -36.91 -22.56 -6.85
CA LEU A 254 -35.60 -22.28 -6.30
C LEU A 254 -34.56 -23.02 -7.17
N LEU A 255 -33.49 -22.31 -7.55
CA LEU A 255 -32.42 -22.91 -8.35
C LEU A 255 -31.15 -22.86 -7.55
N HIS A 256 -30.41 -23.97 -7.52
CA HIS A 256 -29.14 -24.04 -6.81
C HIS A 256 -28.01 -24.52 -7.72
N SER A 257 -26.79 -24.04 -7.42
CA SER A 257 -25.58 -24.52 -8.04
C SER A 257 -24.54 -24.76 -6.94
N ASP A 258 -23.92 -25.95 -6.94
CA ASP A 258 -22.82 -26.17 -6.00
C ASP A 258 -21.66 -25.30 -6.53
N ALA A 259 -20.76 -24.94 -5.62
CA ALA A 259 -19.54 -24.20 -5.87
C ALA A 259 -18.57 -25.11 -6.63
N PHE A 260 -17.55 -24.51 -7.25
CA PHE A 260 -16.46 -25.24 -7.92
C PHE A 260 -15.14 -24.85 -7.17
N PRO A 261 -15.00 -25.12 -5.84
CA PRO A 261 -13.76 -24.69 -5.15
C PRO A 261 -12.50 -25.33 -5.72
N PRO A 262 -11.40 -24.56 -5.83
CA PRO A 262 -10.14 -25.17 -6.28
C PRO A 262 -9.58 -26.04 -5.13
N PRO A 263 -8.76 -27.08 -5.37
CA PRO A 263 -8.18 -27.83 -4.22
C PRO A 263 -7.46 -26.89 -3.21
N ARG A 264 -6.70 -25.88 -3.72
CA ARG A 264 -6.02 -24.83 -2.94
C ARG A 264 -6.59 -23.41 -3.23
N VAL A 265 -7.37 -22.85 -2.29
CA VAL A 265 -7.93 -21.50 -2.37
C VAL A 265 -6.80 -20.51 -1.97
N VAL A 266 -6.28 -19.71 -2.94
CA VAL A 266 -5.14 -18.81 -2.71
C VAL A 266 -5.49 -17.28 -2.73
N ASP A 267 -6.60 -16.89 -3.41
CA ASP A 267 -6.99 -15.47 -3.53
C ASP A 267 -8.48 -15.30 -3.84
N THR A 268 -9.28 -14.87 -2.85
CA THR A 268 -10.72 -14.64 -3.05
C THR A 268 -11.06 -13.17 -3.40
N LEU A 269 -10.03 -12.29 -3.55
CA LEU A 269 -10.27 -10.88 -3.88
C LEU A 269 -10.91 -10.75 -5.28
N GLY A 270 -12.15 -10.29 -5.30
CA GLY A 270 -12.91 -10.16 -6.53
C GLY A 270 -13.61 -11.42 -7.00
N ALA A 271 -13.80 -12.43 -6.11
CA ALA A 271 -14.49 -13.69 -6.45
C ALA A 271 -15.97 -13.44 -6.74
N GLY A 272 -16.63 -12.68 -5.88
CA GLY A 272 -18.01 -12.21 -6.00
C GLY A 272 -18.21 -11.41 -7.27
N ASP A 273 -17.20 -10.59 -7.66
CA ASP A 273 -17.23 -9.80 -8.89
C ASP A 273 -17.09 -10.70 -10.11
N THR A 274 -16.32 -11.80 -9.98
CA THR A 274 -16.13 -12.82 -11.02
C THR A 274 -17.46 -13.54 -11.22
N PHE A 275 -18.14 -13.88 -10.12
CA PHE A 275 -19.43 -14.54 -10.13
C PHE A 275 -20.48 -13.69 -10.89
N ASN A 276 -20.68 -12.40 -10.45
CA ASN A 276 -21.62 -11.46 -11.06
C ASN A 276 -21.38 -11.33 -12.55
N ALA A 277 -20.13 -11.04 -12.95
CA ALA A 277 -19.74 -10.88 -14.36
C ALA A 277 -20.04 -12.13 -15.19
N SER A 278 -19.74 -13.33 -14.64
CA SER A 278 -19.97 -14.62 -15.27
C SER A 278 -21.46 -14.95 -15.42
N VAL A 279 -22.28 -14.57 -14.42
CA VAL A 279 -23.74 -14.77 -14.48
C VAL A 279 -24.32 -13.85 -15.58
N ILE A 280 -23.90 -12.57 -15.61
CA ILE A 280 -24.32 -11.55 -16.58
C ILE A 280 -23.94 -11.97 -18.00
N PHE A 281 -22.71 -12.45 -18.21
CA PHE A 281 -22.23 -12.90 -19.50
C PHE A 281 -23.07 -14.06 -20.04
N SER A 282 -23.35 -15.04 -19.18
CA SER A 282 -24.09 -16.26 -19.50
C SER A 282 -25.54 -15.94 -19.85
N LEU A 283 -26.20 -15.06 -19.08
CA LEU A 283 -27.56 -14.61 -19.35
C LEU A 283 -27.64 -13.80 -20.66
N SER A 284 -26.69 -12.87 -20.87
CA SER A 284 -26.55 -12.04 -22.07
C SER A 284 -26.33 -12.91 -23.33
N GLN A 285 -25.81 -14.14 -23.15
CA GLN A 285 -25.58 -15.12 -24.22
C GLN A 285 -26.81 -16.02 -24.49
N GLY A 286 -27.91 -15.74 -23.76
CA GLY A 286 -29.17 -16.45 -23.89
C GLY A 286 -29.30 -17.75 -23.14
N ARG A 287 -28.36 -18.05 -22.22
CA ARG A 287 -28.43 -19.29 -21.47
C ARG A 287 -29.42 -19.19 -20.33
N SER A 288 -29.93 -20.34 -19.87
CA SER A 288 -30.91 -20.40 -18.79
C SER A 288 -30.29 -19.92 -17.46
N VAL A 289 -31.15 -19.52 -16.50
CA VAL A 289 -30.75 -19.07 -15.17
C VAL A 289 -29.96 -20.18 -14.47
N GLN A 290 -30.44 -21.44 -14.55
CA GLN A 290 -29.72 -22.60 -14.01
C GLN A 290 -28.29 -22.68 -14.57
N GLU A 291 -28.11 -22.56 -15.88
CA GLU A 291 -26.79 -22.63 -16.51
C GLU A 291 -25.87 -21.48 -16.11
N ALA A 292 -26.43 -20.27 -16.02
CA ALA A 292 -25.74 -19.05 -15.65
C ALA A 292 -25.24 -19.10 -14.22
N LEU A 293 -26.06 -19.63 -13.28
CA LEU A 293 -25.70 -19.81 -11.86
C LEU A 293 -24.45 -20.70 -11.76
N ARG A 294 -24.52 -21.83 -12.43
CA ARG A 294 -23.52 -22.86 -12.56
C ARG A 294 -22.21 -22.30 -13.15
N PHE A 295 -22.32 -21.49 -14.24
CA PHE A 295 -21.16 -20.86 -14.90
C PHE A 295 -20.51 -19.81 -13.98
N GLY A 296 -21.33 -19.09 -13.22
CA GLY A 296 -20.88 -18.12 -12.23
C GLY A 296 -20.00 -18.77 -11.17
N CYS A 297 -20.49 -19.87 -10.58
CA CYS A 297 -19.75 -20.64 -9.59
C CYS A 297 -18.47 -21.22 -10.18
N GLN A 298 -18.54 -21.66 -11.45
CA GLN A 298 -17.44 -22.29 -12.16
C GLN A 298 -16.25 -21.35 -12.36
N VAL A 299 -16.53 -20.13 -12.87
CA VAL A 299 -15.50 -19.13 -13.13
C VAL A 299 -15.00 -18.54 -11.80
N ALA A 300 -15.91 -18.23 -10.84
CA ALA A 300 -15.52 -17.71 -9.53
C ALA A 300 -14.58 -18.67 -8.81
N GLY A 301 -14.94 -19.97 -8.80
CA GLY A 301 -14.14 -21.03 -8.20
C GLY A 301 -12.77 -21.14 -8.83
N LYS A 302 -12.68 -21.05 -10.18
CA LYS A 302 -11.42 -21.07 -10.93
C LYS A 302 -10.50 -19.89 -10.49
N LYS A 303 -11.07 -18.66 -10.37
CA LYS A 303 -10.40 -17.43 -9.94
C LYS A 303 -9.76 -17.61 -8.55
N CYS A 304 -10.48 -18.25 -7.62
CA CYS A 304 -10.09 -18.52 -6.24
C CYS A 304 -8.80 -19.36 -6.09
N GLY A 305 -8.40 -20.04 -7.15
CA GLY A 305 -7.20 -20.85 -7.15
C GLY A 305 -6.05 -20.20 -7.86
N LEU A 306 -6.21 -18.91 -8.22
CA LEU A 306 -5.19 -18.10 -8.91
C LEU A 306 -5.05 -16.71 -8.26
N GLN A 307 -3.90 -16.08 -8.45
CA GLN A 307 -3.67 -14.70 -7.98
C GLN A 307 -4.15 -13.80 -9.15
N GLY A 308 -5.04 -12.86 -8.87
CA GLY A 308 -5.60 -12.00 -9.90
C GLY A 308 -6.66 -12.65 -10.78
N PHE A 309 -6.76 -12.22 -12.04
CA PHE A 309 -7.80 -12.68 -12.95
C PHE A 309 -7.29 -13.40 -14.21
N ASP A 310 -5.98 -13.44 -14.43
CA ASP A 310 -5.43 -14.17 -15.59
C ASP A 310 -5.56 -15.67 -15.39
N GLY A 311 -5.92 -16.36 -16.46
CA GLY A 311 -6.05 -17.81 -16.45
C GLY A 311 -7.41 -18.36 -16.03
N ILE A 312 -8.41 -17.47 -15.78
CA ILE A 312 -9.79 -17.88 -15.41
C ILE A 312 -10.51 -18.56 -16.59
N VAL A 313 -10.00 -18.37 -17.82
CA VAL A 313 -10.48 -18.94 -19.10
C VAL A 313 -9.37 -18.86 -20.13
N GLY B 13 23.17 16.90 -13.18
CA GLY B 13 24.02 18.08 -13.34
C GLY B 13 25.36 18.01 -12.60
N LEU B 14 26.17 19.09 -12.70
CA LEU B 14 27.48 19.21 -12.04
C LEU B 14 27.35 19.35 -10.52
N VAL B 15 27.91 18.36 -9.79
CA VAL B 15 27.95 18.39 -8.33
C VAL B 15 29.37 18.85 -7.96
N PRO B 16 29.57 20.00 -7.26
CA PRO B 16 30.96 20.34 -6.89
C PRO B 16 31.63 19.26 -6.03
N ARG B 17 32.93 19.13 -6.19
CA ARG B 17 33.76 18.15 -5.47
C ARG B 17 33.63 18.33 -3.92
N GLY B 18 33.52 17.22 -3.19
CA GLY B 18 33.44 17.17 -1.72
C GLY B 18 32.34 18.02 -1.12
N SER B 19 31.14 17.98 -1.74
CA SER B 19 30.05 18.84 -1.32
C SER B 19 28.84 18.12 -0.74
N GLN B 20 28.68 16.85 -1.04
CA GLN B 20 27.52 16.08 -0.63
C GLN B 20 27.71 15.13 0.55
N ILE B 21 26.60 14.84 1.25
CA ILE B 21 26.49 13.85 2.32
C ILE B 21 25.63 12.75 1.72
N LEU B 22 26.19 11.55 1.65
CA LEU B 22 25.55 10.39 1.08
C LEU B 22 25.06 9.48 2.17
N CYS B 23 23.82 8.97 2.04
CA CYS B 23 23.23 8.00 2.95
C CYS B 23 22.87 6.83 2.11
N VAL B 24 23.35 5.64 2.51
CA VAL B 24 23.14 4.34 1.89
C VAL B 24 22.23 3.54 2.78
N GLY B 25 21.11 3.08 2.24
CA GLY B 25 20.18 2.25 2.99
C GLY B 25 18.85 2.01 2.31
N LEU B 26 17.81 1.80 3.14
CA LEU B 26 16.46 1.51 2.72
C LEU B 26 15.59 2.74 2.39
N VAL B 27 14.75 2.55 1.37
CA VAL B 27 13.64 3.39 0.98
C VAL B 27 12.44 2.44 0.81
N VAL B 28 11.33 2.78 1.47
CA VAL B 28 10.10 2.00 1.49
C VAL B 28 8.88 2.93 1.39
N LEU B 29 7.81 2.46 0.72
CA LEU B 29 6.56 3.21 0.66
C LEU B 29 5.72 2.67 1.80
N ASP B 30 5.47 3.51 2.80
CA ASP B 30 4.62 3.12 3.92
C ASP B 30 3.23 3.63 3.69
N VAL B 31 2.26 2.71 3.60
CA VAL B 31 0.85 3.07 3.46
C VAL B 31 0.34 2.92 4.89
N ILE B 32 -0.12 4.03 5.48
CA ILE B 32 -0.59 4.07 6.87
C ILE B 32 -2.07 4.37 6.91
N SER B 33 -2.87 3.49 7.53
CA SER B 33 -4.32 3.65 7.66
C SER B 33 -4.71 3.73 9.13
N LEU B 34 -5.53 4.73 9.48
CA LEU B 34 -6.09 4.88 10.83
C LEU B 34 -7.50 4.27 10.82
N VAL B 35 -7.78 3.34 11.75
CA VAL B 35 -9.05 2.60 11.79
C VAL B 35 -9.76 2.70 13.16
N ASP B 36 -11.13 2.63 13.18
CA ASP B 36 -11.93 2.66 14.42
C ASP B 36 -11.61 1.43 15.26
N LYS B 37 -11.55 0.26 14.59
CA LYS B 37 -11.24 -1.03 15.19
C LYS B 37 -10.39 -1.88 14.26
N TYR B 38 -9.56 -2.80 14.83
CA TYR B 38 -8.73 -3.72 14.06
C TYR B 38 -9.61 -4.61 13.18
N PRO B 39 -9.35 -4.68 11.85
CA PRO B 39 -10.24 -5.48 11.00
C PRO B 39 -10.15 -6.98 11.25
N LYS B 40 -11.32 -7.63 11.28
CA LYS B 40 -11.41 -9.07 11.42
C LYS B 40 -11.19 -9.66 10.03
N GLU B 41 -10.42 -10.76 9.96
CA GLU B 41 -10.08 -11.42 8.71
C GLU B 41 -11.30 -11.72 7.84
N ASP B 42 -11.16 -11.45 6.52
CA ASP B 42 -12.15 -11.62 5.43
C ASP B 42 -13.20 -10.48 5.39
N SER B 43 -12.97 -9.39 6.15
CA SER B 43 -13.89 -8.25 6.14
C SER B 43 -13.42 -7.05 5.28
N GLU B 44 -14.38 -6.18 4.88
CA GLU B 44 -14.14 -4.96 4.09
C GLU B 44 -14.52 -3.80 5.00
N ILE B 45 -13.53 -3.02 5.44
CA ILE B 45 -13.77 -1.89 6.32
C ILE B 45 -13.34 -0.56 5.66
N ARG B 46 -13.75 0.56 6.27
CA ARG B 46 -13.43 1.88 5.79
C ARG B 46 -12.55 2.55 6.83
N CYS B 47 -11.34 2.96 6.42
CA CYS B 47 -10.42 3.63 7.33
C CYS B 47 -10.86 5.08 7.53
N LEU B 48 -10.51 5.66 8.67
CA LEU B 48 -10.78 7.04 9.03
C LEU B 48 -9.90 7.98 8.18
N SER B 49 -8.63 7.57 7.94
CA SER B 49 -7.65 8.30 7.13
C SER B 49 -6.56 7.36 6.62
N GLN B 50 -5.97 7.70 5.48
CA GLN B 50 -4.91 6.92 4.86
C GLN B 50 -3.83 7.86 4.33
N ARG B 51 -2.56 7.52 4.59
CA ARG B 51 -1.39 8.31 4.21
C ARG B 51 -0.35 7.44 3.52
N TRP B 52 0.19 7.91 2.38
CA TRP B 52 1.28 7.30 1.65
C TRP B 52 2.52 8.14 1.97
N GLN B 53 3.51 7.52 2.62
CA GLN B 53 4.73 8.19 3.07
C GLN B 53 5.99 7.48 2.61
N ARG B 54 7.06 8.26 2.38
CA ARG B 54 8.36 7.70 2.09
C ARG B 54 8.99 7.41 3.46
N GLY B 55 9.52 6.19 3.62
CA GLY B 55 10.13 5.73 4.86
C GLY B 55 11.52 5.16 4.60
N GLY B 56 12.11 4.62 5.67
CA GLY B 56 13.46 4.05 5.64
C GLY B 56 14.43 4.93 6.39
N ASN B 57 15.43 4.32 7.08
CA ASN B 57 16.43 5.07 7.87
C ASN B 57 17.24 6.05 7.09
N ALA B 58 17.98 5.58 6.06
CA ALA B 58 18.81 6.44 5.20
C ALA B 58 17.96 7.47 4.46
N SER B 59 16.75 7.08 4.05
CA SER B 59 15.77 7.90 3.34
C SER B 59 15.30 9.04 4.23
N ASN B 60 14.93 8.74 5.49
CA ASN B 60 14.53 9.77 6.45
C ASN B 60 15.66 10.73 6.78
N SER B 61 16.90 10.21 6.98
CA SER B 61 18.09 11.05 7.23
C SER B 61 18.37 11.99 6.09
N CYS B 62 18.19 11.52 4.83
CA CYS B 62 18.29 12.33 3.62
C CYS B 62 17.36 13.53 3.63
N THR B 63 16.08 13.32 4.00
CA THR B 63 15.10 14.41 4.10
C THR B 63 15.57 15.44 5.12
N VAL B 64 15.98 15.00 6.31
CA VAL B 64 16.44 15.85 7.42
C VAL B 64 17.66 16.71 6.99
N LEU B 65 18.67 16.09 6.36
CA LEU B 65 19.85 16.80 5.82
C LEU B 65 19.49 17.90 4.83
N SER B 66 18.53 17.66 3.92
CA SER B 66 18.08 18.68 2.96
C SER B 66 17.45 19.89 3.67
N LEU B 67 16.64 19.64 4.69
CA LEU B 67 16.01 20.64 5.54
C LEU B 67 17.05 21.40 6.38
N LEU B 68 18.13 20.70 6.78
CA LEU B 68 19.23 21.34 7.50
C LEU B 68 20.09 22.27 6.62
N GLY B 69 19.95 22.15 5.30
CA GLY B 69 20.69 22.98 4.35
C GLY B 69 21.87 22.29 3.70
N ALA B 70 21.93 20.95 3.80
CA ALA B 70 23.04 20.21 3.20
C ALA B 70 22.71 19.60 1.83
N PRO B 71 23.63 19.71 0.83
CA PRO B 71 23.42 18.96 -0.42
C PRO B 71 23.55 17.48 -0.03
N CYS B 72 22.55 16.68 -0.41
CA CYS B 72 22.59 15.29 -0.03
C CYS B 72 22.06 14.37 -1.10
N ALA B 73 22.57 13.16 -1.06
CA ALA B 73 22.28 12.11 -2.02
C ALA B 73 21.88 10.86 -1.29
N PHE B 74 21.02 10.08 -1.91
CA PHE B 74 20.56 8.81 -1.40
C PHE B 74 21.08 7.69 -2.29
N MET B 75 21.52 6.60 -1.66
CA MET B 75 21.90 5.40 -2.40
C MET B 75 21.17 4.21 -1.84
N GLY B 76 20.33 3.64 -2.67
CA GLY B 76 19.53 2.52 -2.25
C GLY B 76 18.95 1.81 -3.45
N SER B 77 18.30 0.68 -3.20
CA SER B 77 17.69 -0.14 -4.24
C SER B 77 16.25 0.17 -4.51
N MET B 78 15.93 0.31 -5.80
CA MET B 78 14.58 0.52 -6.31
C MET B 78 14.45 -0.25 -7.62
N ALA B 79 13.23 -0.68 -7.93
CA ALA B 79 12.89 -1.36 -9.18
C ALA B 79 12.01 -0.39 -9.95
N PRO B 80 12.17 -0.24 -11.28
CA PRO B 80 11.25 0.63 -12.04
C PRO B 80 9.79 0.19 -11.86
N GLY B 81 8.91 1.17 -11.74
CA GLY B 81 7.49 0.96 -11.48
C GLY B 81 6.84 2.14 -10.80
N HIS B 82 5.58 2.00 -10.44
CA HIS B 82 4.76 3.05 -9.84
C HIS B 82 5.13 3.42 -8.40
N VAL B 83 5.53 2.43 -7.56
CA VAL B 83 5.98 2.63 -6.18
C VAL B 83 7.24 3.53 -6.21
N ALA B 84 8.26 3.16 -7.03
CA ALA B 84 9.51 3.89 -7.22
C ALA B 84 9.27 5.33 -7.67
N ASP B 85 8.29 5.54 -8.58
CA ASP B 85 7.89 6.83 -9.13
C ASP B 85 7.40 7.78 -8.02
N PHE B 86 6.55 7.27 -7.13
CA PHE B 86 6.04 7.98 -5.98
C PHE B 86 7.19 8.37 -5.04
N LEU B 87 8.09 7.40 -4.73
CA LEU B 87 9.25 7.55 -3.87
C LEU B 87 10.27 8.55 -4.42
N VAL B 88 10.53 8.53 -5.77
CA VAL B 88 11.43 9.47 -6.46
C VAL B 88 10.85 10.89 -6.39
N ALA B 89 9.53 11.05 -6.65
CA ALA B 89 8.90 12.36 -6.61
C ALA B 89 8.90 12.89 -5.16
N ASP B 90 8.77 12.01 -4.14
CA ASP B 90 8.85 12.42 -2.73
C ASP B 90 10.29 12.85 -2.31
N PHE B 91 11.31 12.10 -2.77
CA PHE B 91 12.72 12.47 -2.60
C PHE B 91 13.01 13.85 -3.19
N ARG B 92 12.57 14.08 -4.45
CA ARG B 92 12.73 15.34 -5.20
C ARG B 92 11.97 16.50 -4.54
N ARG B 93 10.79 16.22 -3.94
CA ARG B 93 10.00 17.15 -3.16
C ARG B 93 10.83 17.66 -1.92
N ARG B 94 11.72 16.79 -1.40
CA ARG B 94 12.61 17.06 -0.27
C ARG B 94 14.03 17.42 -0.69
N GLY B 95 14.23 17.79 -1.96
CA GLY B 95 15.52 18.19 -2.53
C GLY B 95 16.63 17.14 -2.46
N VAL B 96 16.26 15.86 -2.41
CA VAL B 96 17.25 14.77 -2.35
C VAL B 96 17.72 14.37 -3.77
N ASP B 97 19.06 14.28 -3.95
CA ASP B 97 19.72 13.84 -5.19
C ASP B 97 19.54 12.31 -5.28
N VAL B 98 18.96 11.82 -6.38
CA VAL B 98 18.55 10.42 -6.55
C VAL B 98 19.37 9.65 -7.65
N SER B 99 20.37 10.31 -8.24
CA SER B 99 21.26 9.80 -9.29
C SER B 99 22.05 8.50 -8.94
N GLN B 100 22.27 8.20 -7.63
CA GLN B 100 23.03 7.00 -7.20
C GLN B 100 22.17 5.81 -6.92
N VAL B 101 20.85 5.91 -7.11
CA VAL B 101 19.94 4.78 -6.92
C VAL B 101 20.42 3.55 -7.73
N ALA B 102 20.43 2.38 -7.10
CA ALA B 102 20.77 1.11 -7.70
C ALA B 102 19.46 0.49 -8.24
N TRP B 103 19.16 0.77 -9.53
CA TRP B 103 17.97 0.23 -10.19
C TRP B 103 18.10 -1.28 -10.42
N GLN B 104 17.02 -2.01 -10.11
CA GLN B 104 16.99 -3.47 -10.16
C GLN B 104 15.98 -3.98 -11.17
N SER B 105 16.43 -4.91 -12.03
CA SER B 105 15.61 -5.58 -13.06
C SER B 105 14.73 -6.70 -12.47
N LYS B 106 14.97 -7.10 -11.21
CA LYS B 106 14.23 -8.14 -10.51
C LYS B 106 13.92 -7.70 -9.06
N GLY B 107 12.71 -8.04 -8.60
CA GLY B 107 12.23 -7.72 -7.26
C GLY B 107 11.21 -6.59 -7.22
N ASP B 108 10.66 -6.36 -6.01
CA ASP B 108 9.64 -5.34 -5.73
C ASP B 108 10.24 -4.15 -4.97
N THR B 109 9.95 -2.87 -5.38
CA THR B 109 10.35 -1.69 -4.60
C THR B 109 9.61 -1.86 -3.25
N PRO B 110 10.31 -1.83 -2.10
CA PRO B 110 9.64 -2.08 -0.81
C PRO B 110 8.45 -1.18 -0.50
N SER B 111 7.40 -1.82 -0.01
CA SER B 111 6.16 -1.17 0.39
C SER B 111 5.65 -1.85 1.65
N SER B 112 5.15 -1.09 2.64
CA SER B 112 4.63 -1.65 3.90
C SER B 112 3.24 -1.14 4.17
N CYS B 113 2.44 -1.95 4.85
CA CYS B 113 1.06 -1.61 5.20
C CYS B 113 1.04 -1.49 6.72
N CYS B 114 0.67 -0.31 7.24
N CYS B 114 0.67 -0.30 7.23
CA CYS B 114 0.55 -0.10 8.69
CA CYS B 114 0.62 -0.03 8.67
C CYS B 114 -0.88 0.24 9.03
C CYS B 114 -0.82 0.31 9.07
N ILE B 115 -1.41 -0.45 10.03
CA ILE B 115 -2.77 -0.27 10.50
C ILE B 115 -2.71 0.27 11.92
N ILE B 116 -3.30 1.45 12.15
CA ILE B 116 -3.32 2.07 13.46
C ILE B 116 -4.75 2.09 14.00
N ASN B 117 -4.95 1.44 15.17
CA ASN B 117 -6.27 1.42 15.82
C ASN B 117 -6.39 2.74 16.60
N ASN B 118 -7.30 3.63 16.15
CA ASN B 118 -7.57 4.95 16.73
C ASN B 118 -7.90 4.92 18.24
N SER B 119 -8.63 3.87 18.70
CA SER B 119 -9.03 3.68 20.09
C SER B 119 -7.86 3.42 21.07
N ASN B 120 -7.02 2.39 20.84
CA ASN B 120 -5.90 2.03 21.73
C ASN B 120 -4.50 2.53 21.29
N GLY B 121 -4.38 2.95 20.02
CA GLY B 121 -3.13 3.46 19.46
C GLY B 121 -2.16 2.41 18.93
N ASN B 122 -2.53 1.11 19.01
CA ASN B 122 -1.70 -0.02 18.54
C ASN B 122 -1.44 0.01 17.04
N ARG B 123 -0.18 -0.27 16.67
CA ARG B 123 0.31 -0.30 15.30
C ARG B 123 0.59 -1.73 14.85
N THR B 124 -0.16 -2.20 13.82
CA THR B 124 -0.01 -3.54 13.23
C THR B 124 0.65 -3.34 11.86
N ILE B 125 1.84 -3.94 11.65
CA ILE B 125 2.60 -3.74 10.41
C ILE B 125 2.78 -5.02 9.57
N VAL B 126 2.43 -4.90 8.26
CA VAL B 126 2.67 -5.94 7.26
C VAL B 126 3.89 -5.39 6.52
N LEU B 127 5.09 -5.88 6.88
CA LEU B 127 6.37 -5.43 6.33
C LEU B 127 6.55 -5.79 4.88
N HIS B 128 7.37 -5.00 4.18
CA HIS B 128 7.73 -5.21 2.77
C HIS B 128 8.33 -6.59 2.57
N ASP B 129 8.26 -7.10 1.34
CA ASP B 129 8.82 -8.42 1.08
C ASP B 129 10.35 -8.34 0.92
N THR B 130 11.01 -9.52 0.89
CA THR B 130 12.47 -9.64 0.80
C THR B 130 12.99 -9.80 -0.65
N SER B 131 12.10 -9.63 -1.64
CA SER B 131 12.38 -9.81 -3.08
C SER B 131 13.42 -8.88 -3.70
N LEU B 132 13.57 -7.63 -3.20
CA LEU B 132 14.50 -6.69 -3.82
C LEU B 132 15.92 -6.84 -3.31
N PRO B 133 16.93 -6.91 -4.20
CA PRO B 133 18.32 -7.04 -3.71
C PRO B 133 18.85 -5.71 -3.20
N ASP B 134 19.61 -5.80 -2.09
CA ASP B 134 20.28 -4.71 -1.42
C ASP B 134 21.42 -4.20 -2.30
N VAL B 135 21.87 -2.94 -2.08
CA VAL B 135 23.00 -2.35 -2.79
C VAL B 135 24.23 -3.26 -2.54
N SER B 136 24.99 -3.59 -3.60
CA SER B 136 26.15 -4.48 -3.45
C SER B 136 27.45 -3.71 -3.50
N ALA B 137 28.55 -4.38 -3.12
CA ALA B 137 29.88 -3.82 -3.18
C ALA B 137 30.25 -3.46 -4.62
N THR B 138 29.77 -4.26 -5.60
CA THR B 138 30.02 -4.02 -7.04
C THR B 138 29.22 -2.81 -7.52
N ASP B 139 28.00 -2.60 -7.00
CA ASP B 139 27.22 -1.40 -7.32
C ASP B 139 27.96 -0.17 -6.79
N PHE B 140 28.50 -0.27 -5.56
CA PHE B 140 29.24 0.79 -4.89
C PHE B 140 30.57 1.09 -5.57
N GLU B 141 31.21 0.07 -6.18
CA GLU B 141 32.49 0.19 -6.92
C GLU B 141 32.37 1.20 -8.07
N LYS B 142 31.21 1.21 -8.75
CA LYS B 142 30.94 2.08 -9.91
C LYS B 142 30.71 3.57 -9.55
N VAL B 143 30.70 3.90 -8.24
CA VAL B 143 30.45 5.27 -7.76
C VAL B 143 31.72 6.10 -7.64
N ASP B 144 31.75 7.29 -8.30
CA ASP B 144 32.87 8.21 -8.17
C ASP B 144 32.60 8.93 -6.83
N LEU B 145 33.48 8.71 -5.85
CA LEU B 145 33.37 9.20 -4.48
C LEU B 145 33.71 10.68 -4.26
N THR B 146 34.37 11.34 -5.24
CA THR B 146 34.87 12.70 -5.10
C THR B 146 33.83 13.79 -4.80
N GLN B 147 32.53 13.58 -5.15
CA GLN B 147 31.54 14.61 -4.87
C GLN B 147 31.03 14.55 -3.42
N PHE B 148 31.44 13.52 -2.66
CA PHE B 148 31.02 13.33 -1.28
C PHE B 148 32.06 13.75 -0.27
N LYS B 149 31.62 14.49 0.75
CA LYS B 149 32.46 14.88 1.88
C LYS B 149 32.20 13.96 3.08
N TRP B 150 31.07 13.23 3.07
CA TRP B 150 30.64 12.35 4.15
C TRP B 150 29.76 11.25 3.57
N ILE B 151 29.98 10.00 4.01
CA ILE B 151 29.20 8.84 3.59
C ILE B 151 28.69 8.14 4.84
N HIS B 152 27.37 8.00 4.95
CA HIS B 152 26.68 7.35 6.05
C HIS B 152 26.06 6.05 5.55
N ILE B 153 26.30 4.95 6.26
CA ILE B 153 25.78 3.65 5.89
C ILE B 153 24.86 3.09 6.95
N GLU B 154 23.62 2.80 6.54
CA GLU B 154 22.64 2.13 7.39
C GLU B 154 22.95 0.63 7.28
N GLY B 155 23.32 0.02 8.40
CA GLY B 155 23.66 -1.41 8.48
C GLY B 155 22.54 -2.33 8.08
N ARG B 156 22.72 -3.04 6.96
CA ARG B 156 21.72 -3.93 6.39
C ARG B 156 22.41 -5.26 5.97
N ASN B 157 23.05 -5.29 4.78
CA ASN B 157 23.77 -6.43 4.23
C ASN B 157 25.27 -6.22 4.55
N ALA B 158 25.60 -6.47 5.82
CA ALA B 158 26.90 -6.24 6.45
C ALA B 158 28.14 -6.70 5.67
N SER B 159 28.20 -7.98 5.22
CA SER B 159 29.36 -8.48 4.45
C SER B 159 29.68 -7.66 3.21
N GLU B 160 28.63 -7.22 2.47
CA GLU B 160 28.77 -6.37 1.28
C GLU B 160 29.13 -4.93 1.65
N GLN B 161 28.52 -4.39 2.74
CA GLN B 161 28.81 -3.02 3.21
C GLN B 161 30.22 -2.88 3.76
N VAL B 162 30.77 -3.97 4.35
CA VAL B 162 32.17 -4.00 4.84
C VAL B 162 33.15 -3.67 3.69
N LYS B 163 32.89 -4.22 2.49
CA LYS B 163 33.69 -3.96 1.28
C LYS B 163 33.54 -2.52 0.80
N MET B 164 32.30 -1.95 0.91
CA MET B 164 32.04 -0.55 0.58
C MET B 164 32.88 0.32 1.49
N LEU B 165 32.90 0.00 2.80
CA LEU B 165 33.70 0.73 3.80
C LEU B 165 35.20 0.60 3.55
N GLN B 166 35.68 -0.60 3.13
CA GLN B 166 37.10 -0.82 2.76
C GLN B 166 37.48 0.03 1.54
N ARG B 167 36.54 0.18 0.56
CA ARG B 167 36.78 1.02 -0.63
C ARG B 167 37.02 2.49 -0.25
N ILE B 168 36.21 3.02 0.70
CA ILE B 168 36.31 4.42 1.17
C ILE B 168 37.64 4.60 1.89
N ASP B 169 38.01 3.61 2.73
CA ASP B 169 39.30 3.60 3.46
C ASP B 169 40.44 3.68 2.46
N ALA B 170 40.38 2.88 1.38
CA ALA B 170 41.38 2.89 0.30
C ALA B 170 41.46 4.26 -0.37
N HIS B 171 40.30 4.85 -0.70
CA HIS B 171 40.16 6.19 -1.29
C HIS B 171 40.86 7.27 -0.43
N ASN B 172 40.59 7.23 0.89
CA ASN B 172 41.09 8.19 1.88
C ASN B 172 42.59 8.15 2.08
N THR B 173 43.20 6.95 1.99
CA THR B 173 44.64 6.69 2.12
C THR B 173 45.45 7.58 1.14
N ARG B 174 44.91 7.80 -0.07
CA ARG B 174 45.53 8.58 -1.14
C ARG B 174 45.18 10.08 -1.12
N GLN B 175 44.35 10.54 -0.16
CA GLN B 175 43.93 11.94 -0.11
C GLN B 175 44.62 12.74 0.99
N PRO B 176 44.89 14.05 0.76
CA PRO B 176 45.36 14.89 1.86
C PRO B 176 44.25 15.02 2.92
N PRO B 177 44.55 15.20 4.24
CA PRO B 177 43.47 15.27 5.26
C PRO B 177 42.25 16.16 4.96
N GLU B 178 42.42 17.26 4.18
CA GLU B 178 41.30 18.17 3.85
C GLU B 178 40.33 17.57 2.82
N GLN B 179 40.75 16.55 2.05
CA GLN B 179 39.97 15.87 1.02
C GLN B 179 39.56 14.44 1.39
N LYS B 180 39.70 14.10 2.68
CA LYS B 180 39.30 12.78 3.19
C LYS B 180 37.79 12.79 3.46
N ILE B 181 37.11 11.70 3.11
CA ILE B 181 35.67 11.52 3.27
C ILE B 181 35.37 10.93 4.65
N ARG B 182 34.62 11.67 5.49
CA ARG B 182 34.22 11.21 6.83
C ARG B 182 33.17 10.13 6.68
N VAL B 183 33.19 9.12 7.57
CA VAL B 183 32.29 7.97 7.44
C VAL B 183 31.48 7.70 8.71
N SER B 184 30.19 7.37 8.55
CA SER B 184 29.35 6.98 9.68
C SER B 184 28.59 5.72 9.37
N VAL B 185 28.28 4.96 10.41
CA VAL B 185 27.62 3.67 10.31
C VAL B 185 26.51 3.64 11.34
N GLU B 186 25.37 3.00 10.99
CA GLU B 186 24.27 2.79 11.93
C GLU B 186 23.98 1.31 12.09
N VAL B 187 24.01 0.83 13.34
CA VAL B 187 23.67 -0.54 13.74
C VAL B 187 22.36 -0.32 14.50
N GLU B 188 21.24 -0.53 13.83
CA GLU B 188 19.94 -0.26 14.42
C GLU B 188 19.11 -1.52 14.72
N LYS B 189 19.37 -2.60 14.00
CA LYS B 189 18.64 -3.84 14.15
C LYS B 189 19.50 -4.83 14.96
N PRO B 190 18.89 -5.50 15.96
CA PRO B 190 19.67 -6.45 16.78
C PRO B 190 19.94 -7.79 16.09
N ARG B 191 20.77 -7.74 15.03
CA ARG B 191 21.17 -8.84 14.15
C ARG B 191 22.67 -9.02 14.28
N GLU B 192 23.10 -10.26 14.58
CA GLU B 192 24.50 -10.64 14.81
C GLU B 192 25.46 -10.18 13.70
N GLU B 193 25.06 -10.36 12.42
CA GLU B 193 25.86 -9.98 11.25
C GLU B 193 26.24 -8.49 11.23
N LEU B 194 25.35 -7.64 11.77
CA LEU B 194 25.54 -6.18 11.81
C LEU B 194 26.65 -5.74 12.76
N PHE B 195 26.94 -6.53 13.80
CA PHE B 195 27.91 -6.16 14.83
C PHE B 195 29.34 -6.03 14.28
N GLN B 196 29.65 -6.64 13.14
CA GLN B 196 30.97 -6.48 12.52
C GLN B 196 31.21 -5.05 11.99
N LEU B 197 30.11 -4.31 11.76
CA LEU B 197 30.15 -2.93 11.25
C LEU B 197 30.63 -1.95 12.30
N PHE B 198 30.64 -2.35 13.60
CA PHE B 198 31.11 -1.53 14.72
C PHE B 198 32.56 -1.10 14.50
N GLY B 199 33.34 -1.94 13.79
CA GLY B 199 34.75 -1.70 13.50
C GLY B 199 35.08 -0.80 12.32
N TYR B 200 34.06 -0.17 11.73
CA TYR B 200 34.19 0.70 10.57
C TYR B 200 33.61 2.07 10.81
N GLY B 201 34.14 3.07 10.13
CA GLY B 201 33.68 4.45 10.22
C GLY B 201 34.27 5.26 11.35
N ASP B 202 34.26 6.60 11.16
CA ASP B 202 34.71 7.61 12.14
C ASP B 202 33.68 7.80 13.24
N VAL B 203 32.38 7.53 12.92
CA VAL B 203 31.21 7.68 13.80
C VAL B 203 30.35 6.44 13.70
N VAL B 204 30.01 5.85 14.84
CA VAL B 204 29.19 4.63 14.92
C VAL B 204 27.97 4.95 15.79
N PHE B 205 26.79 4.86 15.21
CA PHE B 205 25.52 5.05 15.90
C PHE B 205 24.99 3.66 16.29
N VAL B 206 24.73 3.45 17.58
CA VAL B 206 24.16 2.21 18.04
C VAL B 206 22.78 2.51 18.63
N SER B 207 21.74 1.78 18.21
CA SER B 207 20.40 2.05 18.74
C SER B 207 20.21 1.55 20.19
N LYS B 208 19.23 2.14 20.91
CA LYS B 208 18.82 1.73 22.27
C LYS B 208 18.36 0.26 22.22
N ASP B 209 17.63 -0.11 21.15
CA ASP B 209 17.12 -1.46 20.89
C ASP B 209 18.23 -2.49 20.78
N VAL B 210 19.33 -2.16 20.09
CA VAL B 210 20.49 -3.03 19.96
C VAL B 210 21.15 -3.16 21.33
N ALA B 211 21.43 -2.01 22.00
CA ALA B 211 22.02 -1.93 23.34
C ALA B 211 21.27 -2.82 24.35
N LYS B 212 19.94 -2.71 24.43
CA LYS B 212 19.08 -3.53 25.30
C LYS B 212 19.19 -5.04 24.98
N HIS B 213 19.17 -5.42 23.68
N HIS B 213 19.19 -5.42 23.67
CA HIS B 213 19.30 -6.80 23.24
CA HIS B 213 19.34 -6.81 23.19
C HIS B 213 20.70 -7.39 23.53
C HIS B 213 20.69 -7.38 23.63
N LEU B 214 21.69 -6.51 23.75
CA LEU B 214 23.06 -6.89 24.14
C LEU B 214 23.25 -6.85 25.67
N GLY B 215 22.15 -6.59 26.40
CA GLY B 215 22.12 -6.58 27.86
C GLY B 215 22.31 -5.27 28.58
N PHE B 216 22.66 -4.20 27.84
CA PHE B 216 22.89 -2.87 28.42
C PHE B 216 21.60 -2.18 28.78
N GLN B 217 21.57 -1.51 29.95
CA GLN B 217 20.36 -0.89 30.50
C GLN B 217 20.31 0.65 30.44
N SER B 218 21.38 1.27 29.93
CA SER B 218 21.51 2.72 29.78
C SER B 218 22.49 2.96 28.65
N ALA B 219 22.53 4.20 28.13
CA ALA B 219 23.45 4.59 27.07
C ALA B 219 24.92 4.56 27.54
N GLU B 220 25.17 4.85 28.85
CA GLU B 220 26.49 4.84 29.50
C GLU B 220 27.07 3.41 29.48
N GLU B 221 26.26 2.42 29.87
CA GLU B 221 26.59 1.01 29.88
C GLU B 221 26.91 0.52 28.46
N ALA B 222 26.03 0.85 27.49
CA ALA B 222 26.20 0.50 26.08
C ALA B 222 27.51 1.05 25.52
N LEU B 223 27.78 2.34 25.74
CA LEU B 223 29.01 2.95 25.23
C LEU B 223 30.26 2.37 25.86
N ARG B 224 30.25 2.16 27.19
CA ARG B 224 31.38 1.58 27.92
C ARG B 224 31.61 0.14 27.52
N GLY B 225 30.54 -0.61 27.38
CA GLY B 225 30.58 -2.02 27.02
C GLY B 225 30.84 -2.32 25.55
N LEU B 226 30.65 -1.33 24.65
CA LEU B 226 30.83 -1.55 23.21
C LEU B 226 31.99 -0.79 22.57
N TYR B 227 32.57 0.20 23.26
CA TYR B 227 33.67 1.01 22.70
C TYR B 227 34.87 0.18 22.20
N GLY B 228 35.13 -0.98 22.80
CA GLY B 228 36.22 -1.85 22.37
C GLY B 228 36.03 -2.44 20.98
N ARG B 229 34.78 -2.45 20.46
CA ARG B 229 34.43 -3.00 19.14
C ARG B 229 34.73 -2.05 17.97
N VAL B 230 34.92 -0.73 18.25
CA VAL B 230 35.15 0.32 17.25
C VAL B 230 36.62 0.45 16.88
N ARG B 231 36.92 0.98 15.67
N ARG B 231 36.92 0.97 15.67
CA ARG B 231 38.28 1.21 15.20
CA ARG B 231 38.31 1.17 15.25
C ARG B 231 38.91 2.40 15.95
C ARG B 231 38.92 2.38 15.96
N LYS B 232 40.27 2.47 15.98
CA LYS B 232 41.04 3.53 16.65
C LYS B 232 40.62 4.94 16.19
N GLY B 233 40.35 5.80 17.17
CA GLY B 233 39.93 7.17 16.95
C GLY B 233 38.46 7.39 16.66
N ALA B 234 37.63 6.32 16.61
CA ALA B 234 36.19 6.45 16.33
C ALA B 234 35.35 6.93 17.54
N VAL B 235 34.17 7.53 17.25
CA VAL B 235 33.21 8.02 18.23
C VAL B 235 31.97 7.12 18.16
N LEU B 236 31.59 6.56 19.32
CA LEU B 236 30.42 5.68 19.44
C LEU B 236 29.31 6.52 20.07
N VAL B 237 28.16 6.59 19.38
CA VAL B 237 26.99 7.41 19.76
C VAL B 237 25.78 6.54 20.06
N CYS B 238 25.08 6.87 21.16
CA CYS B 238 23.86 6.20 21.57
C CYS B 238 22.81 7.15 22.14
N ALA B 239 21.67 7.27 21.42
CA ALA B 239 20.50 8.04 21.81
C ALA B 239 19.61 7.11 22.61
N TRP B 240 19.05 7.61 23.71
CA TRP B 240 18.21 6.81 24.59
C TRP B 240 16.90 7.58 24.86
N ALA B 241 16.22 8.00 23.76
CA ALA B 241 14.94 8.73 23.74
C ALA B 241 14.85 9.87 24.78
N GLU B 242 13.97 9.72 25.80
CA GLU B 242 13.75 10.71 26.88
C GLU B 242 15.01 10.98 27.72
N GLU B 243 15.93 9.99 27.79
CA GLU B 243 17.19 10.15 28.55
C GLU B 243 18.26 10.95 27.81
N GLY B 244 17.97 11.41 26.60
CA GLY B 244 18.91 12.17 25.78
C GLY B 244 19.88 11.29 25.03
N ALA B 245 21.14 11.73 24.90
CA ALA B 245 22.12 10.92 24.17
C ALA B 245 23.50 11.06 24.72
N ASP B 246 24.32 10.01 24.54
CA ASP B 246 25.73 10.01 24.91
C ASP B 246 26.62 9.78 23.69
N ALA B 247 27.90 10.12 23.84
CA ALA B 247 28.93 9.87 22.85
C ALA B 247 30.23 9.55 23.60
N LEU B 248 31.06 8.70 23.01
CA LEU B 248 32.34 8.32 23.59
C LEU B 248 33.41 8.18 22.47
N GLY B 249 34.44 9.01 22.57
CA GLY B 249 35.57 9.03 21.65
C GLY B 249 36.84 8.42 22.23
N PRO B 250 37.99 8.56 21.53
CA PRO B 250 39.24 7.93 22.01
C PRO B 250 39.79 8.46 23.34
N ASP B 251 39.45 9.71 23.75
CA ASP B 251 39.89 10.31 25.02
C ASP B 251 39.25 9.65 26.28
N GLY B 252 38.24 8.80 26.07
CA GLY B 252 37.59 8.06 27.14
C GLY B 252 36.62 8.81 28.03
N LYS B 253 36.28 10.04 27.64
CA LYS B 253 35.36 10.95 28.31
C LYS B 253 33.90 10.75 27.80
N LEU B 254 33.00 10.28 28.68
CA LEU B 254 31.60 10.12 28.34
C LEU B 254 30.91 11.49 28.23
N LEU B 255 30.47 11.83 27.00
CA LEU B 255 29.79 13.10 26.72
C LEU B 255 28.31 12.81 26.75
N HIS B 256 27.54 13.77 27.19
CA HIS B 256 26.10 13.61 27.33
C HIS B 256 25.36 14.90 27.03
N SER B 257 24.16 14.76 26.47
CA SER B 257 23.21 15.85 26.31
C SER B 257 21.85 15.34 26.77
N ASP B 258 21.12 16.15 27.54
CA ASP B 258 19.76 15.80 27.94
C ASP B 258 18.86 15.95 26.71
N ALA B 259 17.70 15.28 26.73
CA ALA B 259 16.70 15.40 25.68
C ALA B 259 16.07 16.80 25.72
N PHE B 260 15.50 17.24 24.59
CA PHE B 260 14.77 18.49 24.45
C PHE B 260 13.31 18.08 24.10
N PRO B 261 12.53 17.54 25.07
CA PRO B 261 11.16 17.09 24.73
C PRO B 261 10.25 18.21 24.27
N PRO B 262 9.36 17.90 23.31
CA PRO B 262 8.42 18.93 22.85
C PRO B 262 7.27 19.16 23.86
N PRO B 263 6.53 20.32 23.81
CA PRO B 263 5.41 20.54 24.76
C PRO B 263 4.41 19.36 24.83
N ARG B 264 4.09 18.77 23.68
CA ARG B 264 3.26 17.58 23.52
C ARG B 264 3.91 16.72 22.45
N VAL B 265 3.97 15.39 22.68
CA VAL B 265 4.55 14.42 21.74
C VAL B 265 3.48 14.05 20.69
N VAL B 266 3.77 14.36 19.42
CA VAL B 266 2.88 14.15 18.28
C VAL B 266 3.28 12.93 17.42
N ASP B 267 4.56 12.85 17.01
CA ASP B 267 5.03 11.81 16.10
C ASP B 267 6.54 11.54 16.25
N THR B 268 6.88 10.38 16.82
CA THR B 268 8.28 9.97 17.07
C THR B 268 8.88 9.15 15.93
N LEU B 269 8.08 8.86 14.90
CA LEU B 269 8.53 8.05 13.77
C LEU B 269 9.59 8.80 12.96
N GLY B 270 10.82 8.27 12.96
CA GLY B 270 11.93 8.88 12.26
C GLY B 270 12.68 9.89 13.12
N ALA B 271 12.43 9.88 14.44
CA ALA B 271 13.11 10.75 15.41
C ALA B 271 14.59 10.36 15.57
N GLY B 272 14.89 9.06 15.53
CA GLY B 272 16.24 8.52 15.55
C GLY B 272 17.04 8.89 14.31
N ASP B 273 16.34 8.89 13.16
CA ASP B 273 16.89 9.27 11.86
C ASP B 273 17.19 10.77 11.81
N THR B 274 16.34 11.57 12.51
CA THR B 274 16.50 13.03 12.63
C THR B 274 17.74 13.33 13.49
N PHE B 275 17.91 12.57 14.58
CA PHE B 275 19.04 12.66 15.50
C PHE B 275 20.33 12.34 14.72
N ASN B 276 20.37 11.20 14.01
CA ASN B 276 21.50 10.75 13.19
C ASN B 276 21.93 11.76 12.18
N ALA B 277 20.98 12.27 11.36
CA ALA B 277 21.29 13.27 10.33
C ALA B 277 21.76 14.60 10.91
N SER B 278 21.23 14.98 12.10
CA SER B 278 21.62 16.24 12.76
C SER B 278 23.01 16.15 13.36
N VAL B 279 23.36 15.00 13.98
CA VAL B 279 24.73 14.76 14.52
C VAL B 279 25.75 14.80 13.37
N ILE B 280 25.48 14.07 12.26
CA ILE B 280 26.30 14.06 11.02
C ILE B 280 26.45 15.48 10.50
N PHE B 281 25.31 16.22 10.35
CA PHE B 281 25.35 17.58 9.82
C PHE B 281 26.28 18.49 10.62
N SER B 282 26.05 18.55 11.94
CA SER B 282 26.85 19.30 12.91
C SER B 282 28.34 18.94 12.84
N LEU B 283 28.69 17.64 12.85
CA LEU B 283 30.09 17.20 12.72
C LEU B 283 30.71 17.64 11.37
N SER B 284 29.95 17.48 10.26
CA SER B 284 30.39 17.88 8.91
C SER B 284 30.62 19.39 8.81
N GLN B 285 29.98 20.18 9.71
CA GLN B 285 30.13 21.63 9.78
C GLN B 285 31.36 22.05 10.65
N GLY B 286 32.10 21.07 11.13
CA GLY B 286 33.28 21.31 11.96
C GLY B 286 32.96 21.54 13.43
N ARG B 287 31.70 21.29 13.86
CA ARG B 287 31.36 21.46 15.27
C ARG B 287 31.92 20.28 16.07
N SER B 288 32.04 20.44 17.39
CA SER B 288 32.57 19.39 18.29
C SER B 288 31.53 18.29 18.50
N VAL B 289 31.97 17.17 19.08
CA VAL B 289 31.11 16.03 19.41
C VAL B 289 30.03 16.40 20.47
N GLN B 290 30.39 17.27 21.43
CA GLN B 290 29.48 17.75 22.47
C GLN B 290 28.40 18.62 21.81
N GLU B 291 28.79 19.58 20.94
CA GLU B 291 27.88 20.46 20.19
C GLU B 291 26.93 19.62 19.29
N ALA B 292 27.48 18.59 18.60
CA ALA B 292 26.75 17.68 17.71
C ALA B 292 25.67 16.89 18.43
N LEU B 293 25.99 16.35 19.63
CA LEU B 293 25.10 15.62 20.53
C LEU B 293 23.93 16.51 20.91
N ARG B 294 24.23 17.73 21.33
CA ARG B 294 23.22 18.71 21.78
C ARG B 294 22.27 19.06 20.64
N PHE B 295 22.83 19.42 19.47
CA PHE B 295 22.12 19.75 18.24
C PHE B 295 21.19 18.61 17.77
N GLY B 296 21.69 17.36 17.77
CA GLY B 296 20.91 16.18 17.41
C GLY B 296 19.70 15.97 18.31
N CYS B 297 19.89 16.23 19.62
CA CYS B 297 18.86 16.12 20.65
C CYS B 297 17.80 17.18 20.49
N GLN B 298 18.22 18.40 20.15
CA GLN B 298 17.34 19.55 19.91
C GLN B 298 16.46 19.34 18.67
N VAL B 299 17.07 18.95 17.55
CA VAL B 299 16.35 18.76 16.28
C VAL B 299 15.41 17.57 16.37
N ALA B 300 15.86 16.43 16.92
CA ALA B 300 15.00 15.24 17.09
C ALA B 300 13.86 15.46 18.10
N GLY B 301 14.12 16.26 19.13
CA GLY B 301 13.13 16.61 20.14
C GLY B 301 12.03 17.48 19.57
N LYS B 302 12.42 18.46 18.75
CA LYS B 302 11.48 19.32 18.05
C LYS B 302 10.62 18.50 17.06
N LYS B 303 11.24 17.52 16.35
CA LYS B 303 10.56 16.62 15.39
C LYS B 303 9.42 15.83 16.06
N CYS B 304 9.64 15.37 17.29
CA CYS B 304 8.68 14.59 18.06
C CYS B 304 7.34 15.29 18.32
N GLY B 305 7.34 16.63 18.36
CA GLY B 305 6.15 17.43 18.57
C GLY B 305 5.50 17.91 17.29
N LEU B 306 6.01 17.43 16.17
CA LEU B 306 5.56 17.75 14.82
C LEU B 306 5.13 16.48 14.11
N GLN B 307 4.22 16.59 13.16
CA GLN B 307 3.81 15.46 12.34
C GLN B 307 4.70 15.54 11.12
N GLY B 308 5.46 14.47 10.85
CA GLY B 308 6.39 14.44 9.73
C GLY B 308 7.63 15.28 9.94
N PHE B 309 8.16 15.83 8.85
CA PHE B 309 9.42 16.57 8.94
C PHE B 309 9.31 18.08 8.72
N ASP B 310 8.13 18.62 8.31
CA ASP B 310 7.93 20.08 8.13
C ASP B 310 8.14 20.85 9.42
N GLY B 311 8.93 21.91 9.34
CA GLY B 311 9.20 22.81 10.45
C GLY B 311 10.15 22.30 11.52
N ILE B 312 11.02 21.32 11.18
CA ILE B 312 11.99 20.81 12.17
C ILE B 312 13.16 21.78 12.38
N VAL B 313 13.38 22.66 11.38
CA VAL B 313 14.40 23.70 11.29
C VAL B 313 13.67 25.04 11.21
#